data_5S00
#
_entry.id   5S00
#
_cell.length_a   38.560
_cell.length_b   77.460
_cell.length_c   99.440
_cell.angle_alpha   90.000
_cell.angle_beta   90.000
_cell.angle_gamma   90.000
#
_symmetry.space_group_name_H-M   'P 21 21 21'
#
loop_
_entity.id
_entity.type
_entity.pdbx_description
1 polymer 'Isoform 2 of Band 4.1-like protein 3'
2 non-polymer 2-[4-(furan-2-carbonyl)piperazin-1-yl]acetamide
3 non-polymer 'DIMETHYL SULFOXIDE'
4 non-polymer 1,2-ETHANEDIOL
5 water water
#
_entity_poly.entity_id   1
_entity_poly.type   'polypeptide(L)'
_entity_poly.pdbx_seq_one_letter_code
;SMPKSMQCKVILLDGSEYTCDVEKRSRGQVLFDKVCEHLNLLEKDYFGLTYRDAENQKNWLDPAKEIKKQVRSGAWHFSF
NVKFYPPDPAQLSEDITRYYLCLQLRDDIVSGRLPCSFVTLALLGSYTVQSELGDYDPDECGSDYISEFRFAPNHTKELE
DKVIELHKSHRGMTPAEAEMHFLENAKKLSMYGVDLHHAKDSEGVEIMLGVCASGLLIYRDRLRINRFAWPKVLKISYKR
NNFYIKIRPGEFEQFESTIGFKLPNHRAAKRLWKVCVEHHTFFRLL
;
_entity_poly.pdbx_strand_id   A
#
# COMPACT_ATOMS: atom_id res chain seq x y z
N PRO A 3 -1.51 11.44 -34.70
CA PRO A 3 -1.86 11.13 -33.30
C PRO A 3 -0.62 11.19 -32.38
N LYS A 4 -0.47 12.28 -31.63
CA LYS A 4 0.77 12.54 -30.86
C LYS A 4 0.77 11.74 -29.57
N SER A 5 1.88 11.05 -29.29
N SER A 5 1.86 11.01 -29.36
CA SER A 5 2.03 10.09 -28.18
CA SER A 5 2.10 10.10 -28.21
C SER A 5 3.14 10.52 -27.21
C SER A 5 2.99 10.80 -27.17
N MET A 6 2.87 10.40 -25.90
CA MET A 6 3.81 10.80 -24.83
C MET A 6 4.46 9.52 -24.30
N GLN A 7 5.75 9.57 -24.05
CA GLN A 7 6.50 8.49 -23.41
C GLN A 7 6.18 8.43 -21.91
N CYS A 8 5.79 7.27 -21.41
CA CYS A 8 5.52 7.04 -19.97
C CYS A 8 6.57 6.11 -19.42
N LYS A 9 7.11 6.44 -18.25
CA LYS A 9 8.03 5.60 -17.49
C LYS A 9 7.36 5.16 -16.17
N VAL A 10 7.36 3.86 -15.93
CA VAL A 10 6.65 3.26 -14.77
C VAL A 10 7.65 2.43 -13.98
N ILE A 11 7.86 2.77 -12.71
CA ILE A 11 8.67 1.96 -11.78
C ILE A 11 7.78 0.82 -11.32
N LEU A 12 8.19 -0.40 -11.68
CA LEU A 12 7.54 -1.68 -11.26
C LEU A 12 7.98 -2.09 -9.86
N LEU A 13 7.24 -3.01 -9.26
CA LEU A 13 7.45 -3.34 -7.84
C LEU A 13 8.74 -4.10 -7.63
N ASP A 14 9.34 -4.67 -8.69
CA ASP A 14 10.69 -5.32 -8.59
C ASP A 14 11.79 -4.28 -8.80
N GLY A 15 11.44 -2.99 -8.92
CA GLY A 15 12.39 -1.87 -9.04
C GLY A 15 12.83 -1.60 -10.47
N SER A 16 12.39 -2.41 -11.44
CA SER A 16 12.68 -2.17 -12.87
C SER A 16 11.70 -1.12 -13.43
N GLU A 17 12.06 -0.60 -14.60
CA GLU A 17 11.33 0.48 -15.33
C GLU A 17 10.63 -0.12 -16.56
N TYR A 18 9.34 0.12 -16.70
CA TYR A 18 8.64 -0.16 -17.97
C TYR A 18 8.42 1.18 -18.65
N THR A 19 8.73 1.26 -19.94
CA THR A 19 8.54 2.44 -20.80
C THR A 19 7.49 2.08 -21.86
N CYS A 20 6.49 2.91 -22.05
CA CYS A 20 5.55 2.78 -23.20
C CYS A 20 5.07 4.16 -23.63
N ASP A 21 4.27 4.20 -24.69
CA ASP A 21 3.73 5.45 -25.23
C ASP A 21 2.21 5.36 -25.17
N VAL A 22 1.55 6.46 -24.90
CA VAL A 22 0.08 6.59 -25.05
C VAL A 22 -0.19 7.89 -25.78
N GLU A 23 -1.32 8.00 -26.46
CA GLU A 23 -1.76 9.27 -27.07
C GLU A 23 -1.79 10.33 -25.95
N LYS A 24 -1.44 11.59 -26.23
CA LYS A 24 -1.23 12.61 -25.17
C LYS A 24 -2.55 12.93 -24.43
N ARG A 25 -3.72 12.72 -25.03
CA ARG A 25 -5.04 12.97 -24.35
C ARG A 25 -5.58 11.69 -23.68
N SER A 26 -4.77 10.65 -23.56
CA SER A 26 -5.16 9.36 -22.94
C SER A 26 -5.62 9.54 -21.49
N ARG A 27 -6.61 8.76 -21.11
CA ARG A 27 -7.08 8.59 -19.72
C ARG A 27 -6.13 7.65 -18.99
N GLY A 28 -6.05 7.75 -17.66
CA GLY A 28 -5.13 6.92 -16.87
C GLY A 28 -5.32 5.44 -17.17
N GLN A 29 -6.57 4.99 -17.38
CA GLN A 29 -6.87 3.55 -17.59
C GLN A 29 -6.04 3.01 -18.75
N VAL A 30 -5.83 3.80 -19.80
CA VAL A 30 -5.08 3.32 -20.99
C VAL A 30 -3.69 2.88 -20.55
N LEU A 31 -2.95 3.73 -19.84
CA LEU A 31 -1.59 3.36 -19.38
C LEU A 31 -1.67 2.20 -18.39
N PHE A 32 -2.59 2.26 -17.46
CA PHE A 32 -2.73 1.17 -16.46
C PHE A 32 -2.92 -0.18 -17.19
N ASP A 33 -3.82 -0.24 -18.17
CA ASP A 33 -4.10 -1.49 -18.94
C ASP A 33 -2.79 -1.99 -19.53
N LYS A 34 -2.00 -1.11 -20.17
CA LYS A 34 -0.67 -1.45 -20.73
C LYS A 34 0.26 -2.04 -19.68
N VAL A 35 0.36 -1.41 -18.50
CA VAL A 35 1.28 -1.92 -17.44
C VAL A 35 0.78 -3.29 -16.97
N CYS A 36 -0.52 -3.45 -16.74
CA CYS A 36 -1.09 -4.72 -16.26
C CYS A 36 -0.86 -5.82 -17.29
N GLU A 37 -1.09 -5.55 -18.58
CA GLU A 37 -0.78 -6.55 -19.64
C GLU A 37 0.69 -6.94 -19.55
N HIS A 38 1.62 -5.98 -19.53
CA HIS A 38 3.07 -6.25 -19.35
C HIS A 38 3.30 -7.18 -18.14
N LEU A 39 2.56 -6.96 -17.05
CA LEU A 39 2.80 -7.72 -15.80
C LEU A 39 2.06 -9.07 -15.81
N ASN A 40 1.25 -9.38 -16.85
CA ASN A 40 0.34 -10.58 -16.92
C ASN A 40 -0.64 -10.58 -15.74
N LEU A 41 -1.11 -9.41 -15.37
CA LEU A 41 -1.95 -9.23 -14.16
C LEU A 41 -3.40 -9.10 -14.60
N LEU A 42 -4.23 -10.00 -14.09
CA LEU A 42 -5.69 -10.05 -14.39
C LEU A 42 -6.47 -9.42 -13.26
N GLU A 43 -6.06 -9.65 -12.00
CA GLU A 43 -6.80 -9.15 -10.85
C GLU A 43 -6.37 -7.69 -10.63
N LYS A 44 -6.71 -6.81 -11.56
CA LYS A 44 -6.15 -5.42 -11.65
C LYS A 44 -6.76 -4.49 -10.60
N ASP A 45 -7.95 -4.81 -10.08
CA ASP A 45 -8.77 -3.93 -9.19
C ASP A 45 -8.01 -3.47 -7.95
N TYR A 46 -7.11 -4.30 -7.42
CA TYR A 46 -6.36 -4.00 -6.17
C TYR A 46 -5.24 -3.00 -6.43
N PHE A 47 -4.92 -2.68 -7.67
CA PHE A 47 -3.68 -1.91 -8.00
C PHE A 47 -4.00 -0.56 -8.66
N GLY A 48 -2.99 0.28 -8.83
CA GLY A 48 -3.13 1.57 -9.49
C GLY A 48 -1.72 2.10 -9.76
N LEU A 49 -1.69 3.23 -10.41
CA LEU A 49 -0.44 3.98 -10.70
C LEU A 49 -0.43 5.22 -9.81
N THR A 50 0.74 5.55 -9.29
CA THR A 50 0.95 6.78 -8.53
C THR A 50 1.89 7.67 -9.35
N TYR A 51 1.89 8.97 -9.04
CA TYR A 51 2.92 9.91 -9.52
C TYR A 51 3.32 10.81 -8.34
N ARG A 52 4.51 11.40 -8.41
CA ARG A 52 5.02 12.38 -7.41
C ARG A 52 4.79 13.79 -7.97
N ASP A 53 4.16 14.66 -7.19
CA ASP A 53 3.70 15.99 -7.65
C ASP A 53 4.77 17.06 -7.38
N ALA A 54 4.36 18.31 -7.63
CA ALA A 54 5.13 19.56 -7.46
C ALA A 54 5.19 19.93 -5.97
N GLU A 55 4.23 19.45 -5.17
CA GLU A 55 4.29 19.48 -3.68
C GLU A 55 5.09 18.24 -3.23
N ASN A 56 5.37 17.33 -4.17
CA ASN A 56 6.33 16.20 -4.07
C ASN A 56 5.67 14.96 -3.45
N GLN A 57 4.35 14.98 -3.25
CA GLN A 57 3.59 13.91 -2.57
C GLN A 57 3.14 12.86 -3.59
N LYS A 58 2.67 11.71 -3.11
CA LYS A 58 2.08 10.64 -3.95
C LYS A 58 0.63 10.99 -4.23
N ASN A 59 0.24 10.95 -5.50
CA ASN A 59 -1.16 11.05 -5.97
C ASN A 59 -1.48 9.77 -6.73
N TRP A 60 -2.67 9.20 -6.50
CA TRP A 60 -3.15 8.11 -7.35
C TRP A 60 -3.52 8.71 -8.70
N LEU A 61 -3.08 8.11 -9.77
CA LEU A 61 -3.52 8.49 -11.12
C LEU A 61 -4.96 8.02 -11.26
N ASP A 62 -5.89 8.94 -11.51
CA ASP A 62 -7.31 8.54 -11.68
C ASP A 62 -7.47 7.93 -13.06
N PRO A 63 -7.86 6.65 -13.17
CA PRO A 63 -7.94 5.99 -14.46
C PRO A 63 -8.99 6.63 -15.40
N ALA A 64 -9.94 7.33 -14.84
CA ALA A 64 -11.08 7.92 -15.56
C ALA A 64 -10.77 9.31 -16.11
N LYS A 65 -9.65 9.93 -15.70
CA LYS A 65 -9.34 11.32 -16.11
C LYS A 65 -8.11 11.33 -17.02
N GLU A 66 -7.98 12.36 -17.83
CA GLU A 66 -6.82 12.51 -18.71
C GLU A 66 -5.54 12.48 -17.84
N ILE A 67 -4.52 11.79 -18.33
CA ILE A 67 -3.22 11.77 -17.64
C ILE A 67 -2.68 13.21 -17.55
N LYS A 68 -2.73 13.97 -18.65
CA LYS A 68 -2.09 15.31 -18.73
C LYS A 68 -2.73 16.25 -17.71
N LYS A 69 -4.01 16.10 -17.39
CA LYS A 69 -4.71 16.99 -16.44
C LYS A 69 -4.38 16.61 -14.98
N GLN A 70 -3.67 15.50 -14.78
CA GLN A 70 -3.24 15.07 -13.42
C GLN A 70 -1.78 15.43 -13.24
N VAL A 71 -0.89 15.00 -14.14
CA VAL A 71 0.57 15.21 -14.00
C VAL A 71 0.87 16.69 -14.29
N ARG A 72 -0.02 17.33 -15.06
CA ARG A 72 0.05 18.78 -15.38
C ARG A 72 1.47 19.09 -15.82
N SER A 73 2.23 19.86 -15.03
CA SER A 73 3.56 20.39 -15.42
C SER A 73 4.65 19.33 -15.21
N GLY A 74 4.33 18.23 -14.53
CA GLY A 74 5.32 17.21 -14.12
C GLY A 74 5.65 16.23 -15.24
N ALA A 75 6.71 15.45 -15.05
CA ALA A 75 7.15 14.36 -15.95
C ALA A 75 6.08 13.27 -15.93
N TRP A 76 5.97 12.53 -17.02
CA TRP A 76 5.07 11.35 -17.13
C TRP A 76 5.80 10.13 -16.55
N HIS A 77 6.06 10.19 -15.25
CA HIS A 77 6.80 9.17 -14.48
C HIS A 77 5.85 8.69 -13.40
N PHE A 78 5.76 7.40 -13.29
CA PHE A 78 4.73 6.77 -12.42
C PHE A 78 5.37 5.63 -11.68
N SER A 79 4.67 5.13 -10.65
CA SER A 79 4.96 3.85 -9.99
C SER A 79 3.73 2.98 -10.03
N PHE A 80 3.92 1.68 -10.12
CA PHE A 80 2.87 0.66 -10.01
C PHE A 80 2.80 0.23 -8.57
N ASN A 81 1.59 0.33 -7.98
CA ASN A 81 1.42 0.08 -6.54
C ASN A 81 0.12 -0.62 -6.21
N VAL A 82 0.14 -1.27 -5.07
CA VAL A 82 -1.12 -1.78 -4.47
C VAL A 82 -1.91 -0.58 -3.96
N LYS A 83 -3.16 -0.47 -4.39
CA LYS A 83 -4.07 0.60 -3.96
C LYS A 83 -4.95 0.07 -2.83
N PHE A 84 -5.54 -1.10 -3.02
CA PHE A 84 -6.47 -1.73 -2.04
C PHE A 84 -5.88 -3.05 -1.54
N TYR A 85 -5.40 -3.09 -0.30
CA TYR A 85 -4.71 -4.29 0.26
C TYR A 85 -5.81 -5.29 0.65
N PRO A 86 -5.89 -6.49 0.03
CA PRO A 86 -6.98 -7.41 0.37
C PRO A 86 -6.89 -7.90 1.80
N PRO A 87 -7.96 -7.84 2.62
CA PRO A 87 -7.87 -8.30 4.00
C PRO A 87 -7.56 -9.80 4.06
N ASP A 88 -7.92 -10.54 3.03
CA ASP A 88 -7.66 -12.01 3.02
C ASP A 88 -7.05 -12.41 1.69
N PRO A 89 -5.72 -12.30 1.57
CA PRO A 89 -5.08 -12.56 0.28
C PRO A 89 -5.25 -14.00 -0.22
N ALA A 90 -5.54 -14.97 0.67
CA ALA A 90 -5.86 -16.37 0.27
C ALA A 90 -7.05 -16.36 -0.69
N GLN A 91 -7.89 -15.33 -0.68
CA GLN A 91 -9.12 -15.38 -1.53
C GLN A 91 -8.84 -14.76 -2.89
N LEU A 92 -7.65 -14.19 -3.12
CA LEU A 92 -7.34 -13.75 -4.50
C LEU A 92 -7.31 -15.00 -5.40
N SER A 93 -7.74 -14.86 -6.63
CA SER A 93 -7.89 -16.03 -7.53
C SER A 93 -6.53 -16.45 -8.12
N GLU A 94 -5.52 -15.56 -8.22
CA GLU A 94 -4.26 -15.97 -8.89
C GLU A 94 -3.03 -15.78 -8.01
N ASP A 95 -2.08 -16.69 -8.17
CA ASP A 95 -0.79 -16.63 -7.47
C ASP A 95 -0.05 -15.36 -7.93
N ILE A 96 -0.17 -14.96 -9.19
CA ILE A 96 0.64 -13.79 -9.65
C ILE A 96 0.14 -12.53 -8.94
N THR A 97 -1.14 -12.47 -8.56
CA THR A 97 -1.68 -11.34 -7.80
C THR A 97 -0.99 -11.32 -6.45
N ARG A 98 -0.90 -12.49 -5.82
CA ARG A 98 -0.33 -12.61 -4.46
C ARG A 98 1.15 -12.21 -4.53
N TYR A 99 1.82 -12.61 -5.59
CA TYR A 99 3.25 -12.23 -5.86
C TYR A 99 3.44 -10.71 -5.87
N TYR A 100 2.69 -9.97 -6.67
CA TYR A 100 2.82 -8.51 -6.70
C TYR A 100 2.46 -7.93 -5.33
N LEU A 101 1.44 -8.48 -4.64
CA LEU A 101 1.14 -7.97 -3.29
C LEU A 101 2.36 -8.17 -2.36
N CYS A 102 3.05 -9.33 -2.43
CA CYS A 102 4.28 -9.60 -1.66
C CYS A 102 5.32 -8.51 -2.00
N LEU A 103 5.56 -8.26 -3.29
CA LEU A 103 6.61 -7.27 -3.65
C LEU A 103 6.26 -5.92 -2.99
N GLN A 104 4.98 -5.50 -3.01
CA GLN A 104 4.56 -4.19 -2.44
C GLN A 104 4.85 -4.20 -0.95
N LEU A 105 4.44 -5.29 -0.28
CA LEU A 105 4.61 -5.40 1.16
C LEU A 105 6.09 -5.41 1.52
N ARG A 106 6.95 -6.07 0.76
CA ARG A 106 8.40 -6.01 1.05
C ARG A 106 8.86 -4.55 1.05
N ASP A 107 8.34 -3.71 0.16
CA ASP A 107 8.74 -2.27 0.09
C ASP A 107 8.12 -1.53 1.26
N ASP A 108 6.90 -1.87 1.62
CA ASP A 108 6.22 -1.30 2.80
C ASP A 108 7.12 -1.54 4.02
N ILE A 109 7.68 -2.74 4.13
CA ILE A 109 8.47 -3.14 5.33
C ILE A 109 9.82 -2.40 5.28
N VAL A 110 10.52 -2.44 4.16
CA VAL A 110 11.92 -1.88 4.07
C VAL A 110 11.83 -0.36 4.32
N SER A 111 10.76 0.27 3.82
CA SER A 111 10.50 1.73 3.88
C SER A 111 10.17 2.15 5.31
N GLY A 112 9.72 1.21 6.14
CA GLY A 112 9.20 1.44 7.50
C GLY A 112 7.78 1.92 7.53
N ARG A 113 7.08 1.96 6.40
CA ARG A 113 5.62 2.24 6.38
C ARG A 113 4.85 1.17 7.14
N LEU A 114 5.37 -0.07 7.17
CA LEU A 114 4.69 -1.22 7.81
C LEU A 114 5.59 -1.74 8.91
N PRO A 115 5.45 -1.23 10.14
CA PRO A 115 6.30 -1.66 11.22
C PRO A 115 6.07 -3.13 11.52
N CYS A 116 7.11 -3.76 12.05
N CYS A 116 7.17 -3.84 11.82
CA CYS A 116 7.23 -5.22 12.19
CA CYS A 116 7.21 -5.26 12.22
C CYS A 116 8.24 -5.57 13.28
C CYS A 116 8.12 -5.43 13.44
N SER A 117 7.91 -6.52 14.17
CA SER A 117 8.83 -7.04 15.19
C SER A 117 10.00 -7.72 14.49
N PHE A 118 11.10 -7.85 15.21
CA PHE A 118 12.27 -8.62 14.82
C PHE A 118 11.85 -9.99 14.26
N VAL A 119 11.06 -10.74 15.04
CA VAL A 119 10.71 -12.11 14.64
C VAL A 119 9.90 -12.10 13.35
N THR A 120 8.95 -11.21 13.21
CA THR A 120 8.13 -11.13 11.99
C THR A 120 8.99 -10.64 10.82
N LEU A 121 9.91 -9.70 11.02
CA LEU A 121 10.86 -9.33 9.94
C LEU A 121 11.60 -10.60 9.45
N ALA A 122 12.16 -11.40 10.36
CA ALA A 122 12.94 -12.60 10.01
C ALA A 122 12.03 -13.63 9.34
N LEU A 123 10.83 -13.83 9.86
CA LEU A 123 9.89 -14.82 9.24
C LEU A 123 9.52 -14.43 7.81
N LEU A 124 9.04 -13.21 7.64
CA LEU A 124 8.72 -12.64 6.30
C LEU A 124 9.94 -12.77 5.40
N GLY A 125 11.12 -12.36 5.86
CA GLY A 125 12.34 -12.49 5.07
C GLY A 125 12.57 -13.95 4.66
N SER A 126 12.38 -14.90 5.58
CA SER A 126 12.66 -16.34 5.34
C SER A 126 11.73 -16.87 4.24
N TYR A 127 10.49 -16.42 4.19
CA TYR A 127 9.54 -16.84 3.13
C TYR A 127 9.96 -16.21 1.78
N THR A 128 10.37 -14.96 1.78
CA THR A 128 10.90 -14.32 0.53
C THR A 128 12.07 -15.16 0.01
N VAL A 129 13.04 -15.46 0.85
CA VAL A 129 14.23 -16.24 0.39
C VAL A 129 13.74 -17.57 -0.14
N GLN A 130 12.85 -18.25 0.56
CA GLN A 130 12.40 -19.58 0.09
C GLN A 130 11.77 -19.43 -1.29
N SER A 131 10.91 -18.43 -1.46
N SER A 131 10.95 -18.40 -1.48
CA SER A 131 10.22 -18.14 -2.74
CA SER A 131 10.20 -18.13 -2.74
C SER A 131 11.28 -17.87 -3.82
C SER A 131 11.17 -17.70 -3.85
N GLU A 132 12.28 -17.03 -3.51
CA GLU A 132 13.24 -16.53 -4.54
C GLU A 132 14.39 -17.50 -4.80
N LEU A 133 14.95 -18.18 -3.79
CA LEU A 133 16.11 -19.08 -4.01
C LEU A 133 15.69 -20.54 -3.94
N GLY A 134 14.52 -20.84 -3.38
CA GLY A 134 14.21 -22.25 -3.12
C GLY A 134 14.85 -22.70 -1.81
N ASP A 135 15.11 -24.00 -1.69
CA ASP A 135 15.50 -24.66 -0.43
C ASP A 135 16.82 -24.12 0.06
N TYR A 136 16.97 -23.97 1.38
CA TYR A 136 18.22 -23.58 2.06
C TYR A 136 19.38 -24.44 1.54
N ASP A 137 20.50 -23.78 1.24
CA ASP A 137 21.78 -24.40 0.78
C ASP A 137 22.92 -23.79 1.57
N PRO A 138 23.63 -24.59 2.39
CA PRO A 138 24.76 -24.10 3.19
C PRO A 138 25.91 -23.56 2.33
N ASP A 139 25.96 -23.97 1.06
CA ASP A 139 27.07 -23.65 0.11
C ASP A 139 27.14 -22.14 -0.12
N GLU A 140 26.00 -21.48 -0.33
CA GLU A 140 25.91 -20.00 -0.47
C GLU A 140 25.36 -19.39 0.83
N CYS A 141 25.83 -19.88 1.97
CA CYS A 141 25.55 -19.31 3.32
C CYS A 141 26.58 -19.83 4.33
N GLY A 142 27.63 -19.04 4.58
CA GLY A 142 28.58 -19.27 5.68
C GLY A 142 28.13 -18.54 6.92
N SER A 143 28.90 -18.65 8.02
CA SER A 143 28.59 -18.04 9.33
C SER A 143 28.54 -16.50 9.20
N ASP A 144 29.11 -15.97 8.11
CA ASP A 144 29.25 -14.50 7.90
C ASP A 144 28.31 -14.02 6.79
N TYR A 145 27.29 -14.82 6.44
CA TYR A 145 26.40 -14.55 5.27
C TYR A 145 25.54 -13.30 5.51
N ILE A 146 25.43 -12.45 4.49
CA ILE A 146 24.46 -11.30 4.43
C ILE A 146 23.76 -11.33 3.06
N SER A 147 22.43 -11.51 3.04
CA SER A 147 21.58 -11.69 1.85
C SER A 147 21.55 -10.39 1.03
N GLU A 148 21.37 -10.52 -0.28
CA GLU A 148 21.17 -9.34 -1.15
C GLU A 148 19.81 -8.73 -0.81
N PHE A 149 18.87 -9.55 -0.29
CA PHE A 149 17.47 -9.14 -0.10
C PHE A 149 17.51 -8.11 1.03
N ARG A 150 16.77 -7.06 0.79
CA ARG A 150 16.38 -6.04 1.79
C ARG A 150 15.16 -6.60 2.50
N PHE A 151 15.26 -6.73 3.80
CA PHE A 151 14.26 -7.31 4.72
C PHE A 151 13.69 -6.29 5.68
N ALA A 152 14.34 -5.16 5.95
CA ALA A 152 13.97 -4.33 7.12
C ALA A 152 14.49 -2.93 6.91
N PRO A 153 13.91 -1.96 7.61
CA PRO A 153 14.39 -0.60 7.56
C PRO A 153 15.85 -0.52 8.03
N ASN A 154 16.24 -1.33 8.99
CA ASN A 154 17.64 -1.39 9.50
C ASN A 154 18.04 -2.85 9.68
N HIS A 155 19.05 -3.23 8.92
CA HIS A 155 19.61 -4.59 8.90
C HIS A 155 20.64 -4.80 10.01
N THR A 156 20.60 -5.94 10.65
CA THR A 156 21.60 -6.37 11.66
C THR A 156 22.02 -7.79 11.32
N LYS A 157 23.21 -8.15 11.79
CA LYS A 157 23.69 -9.52 11.54
C LYS A 157 22.75 -10.49 12.26
N GLU A 158 22.21 -10.10 13.41
CA GLU A 158 21.26 -10.97 14.14
C GLU A 158 20.03 -11.25 13.26
N LEU A 159 19.53 -10.22 12.56
CA LEU A 159 18.32 -10.41 11.72
C LEU A 159 18.69 -11.36 10.57
N GLU A 160 19.86 -11.18 9.96
CA GLU A 160 20.32 -12.05 8.84
C GLU A 160 20.41 -13.49 9.30
N ASP A 161 20.92 -13.70 10.52
CA ASP A 161 21.06 -15.05 11.08
C ASP A 161 19.67 -15.67 11.29
N LYS A 162 18.71 -14.87 11.75
CA LYS A 162 17.39 -15.44 12.07
C LYS A 162 16.69 -15.81 10.78
N VAL A 163 16.79 -14.96 9.74
CA VAL A 163 16.24 -15.30 8.40
C VAL A 163 16.77 -16.68 7.99
N ILE A 164 18.06 -16.94 8.11
CA ILE A 164 18.64 -18.24 7.66
C ILE A 164 18.09 -19.37 8.51
N GLU A 165 18.03 -19.18 9.83
CA GLU A 165 17.52 -20.23 10.74
C GLU A 165 16.10 -20.63 10.29
N LEU A 166 15.24 -19.64 10.00
CA LEU A 166 13.83 -19.95 9.63
C LEU A 166 13.79 -20.50 8.21
N HIS A 167 14.67 -20.03 7.32
CA HIS A 167 14.74 -20.53 5.94
C HIS A 167 15.02 -22.05 5.93
N LYS A 168 15.88 -22.50 6.83
CA LYS A 168 16.20 -23.94 6.91
C LYS A 168 14.91 -24.73 7.16
N SER A 169 13.95 -24.16 7.88
CA SER A 169 12.73 -24.89 8.28
C SER A 169 11.78 -25.02 7.10
N HIS A 170 11.97 -24.30 5.99
CA HIS A 170 10.95 -24.27 4.89
C HIS A 170 11.30 -25.22 3.73
N ARG A 171 12.14 -26.22 3.94
CA ARG A 171 12.56 -27.11 2.83
C ARG A 171 11.32 -27.73 2.15
N GLY A 172 11.32 -27.70 0.80
CA GLY A 172 10.30 -28.30 -0.07
C GLY A 172 9.16 -27.34 -0.34
N MET A 173 9.21 -26.13 0.23
CA MET A 173 8.15 -25.12 0.03
C MET A 173 8.33 -24.53 -1.35
N THR A 174 7.24 -24.42 -2.09
CA THR A 174 7.25 -23.85 -3.44
C THR A 174 7.03 -22.35 -3.34
N PRO A 175 7.34 -21.59 -4.41
CA PRO A 175 7.22 -20.14 -4.34
C PRO A 175 5.82 -19.68 -3.98
N ALA A 176 4.78 -20.27 -4.56
CA ALA A 176 3.38 -19.86 -4.29
C ALA A 176 3.03 -20.14 -2.83
N GLU A 177 3.53 -21.25 -2.32
CA GLU A 177 3.28 -21.64 -0.91
C GLU A 177 3.97 -20.64 0.06
N ALA A 178 5.24 -20.30 -0.18
CA ALA A 178 6.01 -19.35 0.65
C ALA A 178 5.32 -17.96 0.59
N GLU A 179 4.94 -17.51 -0.61
CA GLU A 179 4.21 -16.22 -0.81
C GLU A 179 2.93 -16.23 0.01
N MET A 180 2.17 -17.33 0.00
CA MET A 180 0.93 -17.40 0.80
C MET A 180 1.27 -17.30 2.29
N HIS A 181 2.29 -17.99 2.80
CA HIS A 181 2.71 -17.85 4.21
C HIS A 181 3.13 -16.40 4.53
N PHE A 182 3.87 -15.81 3.62
CA PHE A 182 4.30 -14.42 3.82
C PHE A 182 3.04 -13.58 4.07
N LEU A 183 2.03 -13.73 3.22
CA LEU A 183 0.82 -12.91 3.28
C LEU A 183 -0.01 -13.23 4.53
N GLU A 184 -0.07 -14.49 4.94
CA GLU A 184 -0.88 -14.88 6.12
C GLU A 184 -0.29 -14.17 7.35
N ASN A 185 1.02 -14.00 7.39
CA ASN A 185 1.69 -13.26 8.49
C ASN A 185 1.53 -11.74 8.30
N ALA A 186 1.87 -11.22 7.13
CA ALA A 186 1.86 -9.76 6.88
C ALA A 186 0.48 -9.18 7.15
N LYS A 187 -0.60 -9.89 6.77
CA LYS A 187 -1.98 -9.37 6.80
C LYS A 187 -2.37 -9.09 8.24
N LYS A 188 -1.68 -9.65 9.23
CA LYS A 188 -2.08 -9.49 10.66
C LYS A 188 -1.44 -8.28 11.31
N LEU A 189 -0.45 -7.67 10.67
CA LEU A 189 0.30 -6.55 11.25
C LEU A 189 -0.66 -5.37 11.41
N SER A 190 -0.59 -4.70 12.54
CA SER A 190 -1.54 -3.62 12.88
C SER A 190 -1.53 -2.52 11.79
N MET A 191 -0.44 -2.27 11.04
CA MET A 191 -0.43 -1.22 9.98
C MET A 191 -0.59 -1.82 8.57
N TYR A 192 -0.99 -3.07 8.43
CA TYR A 192 -1.23 -3.67 7.09
C TYR A 192 -2.30 -2.92 6.32
N GLY A 193 -1.91 -2.38 5.17
CA GLY A 193 -2.84 -1.73 4.23
C GLY A 193 -3.34 -0.39 4.75
N VAL A 194 -2.71 0.19 5.77
CA VAL A 194 -3.09 1.51 6.35
C VAL A 194 -2.35 2.60 5.58
N ASP A 195 -3.12 3.48 4.93
CA ASP A 195 -2.60 4.70 4.28
C ASP A 195 -2.65 5.84 5.32
N LEU A 196 -1.51 6.41 5.74
CA LEU A 196 -1.41 7.39 6.86
C LEU A 196 -1.36 8.81 6.30
N HIS A 197 -2.13 9.69 6.92
CA HIS A 197 -2.18 11.12 6.55
C HIS A 197 -1.96 11.97 7.81
N HIS A 198 -0.98 12.87 7.78
CA HIS A 198 -0.77 13.91 8.84
C HIS A 198 -1.96 14.89 8.89
N ALA A 199 -2.43 15.21 10.08
CA ALA A 199 -3.57 16.12 10.30
C ALA A 199 -3.52 16.71 11.71
N LYS A 200 -4.32 17.75 11.94
CA LYS A 200 -4.53 18.31 13.30
C LYS A 200 -5.99 18.09 13.67
N ASP A 201 -6.25 17.82 14.95
CA ASP A 201 -7.64 17.68 15.45
C ASP A 201 -8.22 19.10 15.56
N SER A 202 -9.46 19.23 16.00
CA SER A 202 -10.22 20.51 16.16
C SER A 202 -9.61 21.40 17.24
N GLU A 203 -8.59 20.93 17.97
CA GLU A 203 -7.88 21.75 18.99
C GLU A 203 -6.44 22.05 18.52
N GLY A 204 -6.07 21.66 17.29
CA GLY A 204 -4.73 21.92 16.73
C GLY A 204 -3.68 20.89 17.13
N VAL A 205 -4.05 19.79 17.79
CA VAL A 205 -3.11 18.71 18.25
C VAL A 205 -2.83 17.80 17.03
N GLU A 206 -1.56 17.49 16.78
CA GLU A 206 -1.05 16.68 15.64
C GLU A 206 -1.50 15.24 15.84
N ILE A 207 -2.26 14.72 14.88
CA ILE A 207 -2.71 13.30 14.85
C ILE A 207 -2.26 12.69 13.52
N MET A 208 -2.47 11.39 13.36
CA MET A 208 -2.38 10.73 12.04
C MET A 208 -3.76 10.17 11.76
N LEU A 209 -4.21 10.24 10.52
CA LEU A 209 -5.44 9.55 10.10
C LEU A 209 -5.05 8.35 9.22
N GLY A 210 -5.58 7.16 9.50
CA GLY A 210 -5.24 5.96 8.73
C GLY A 210 -6.45 5.55 7.95
N VAL A 211 -6.27 5.24 6.67
CA VAL A 211 -7.38 4.76 5.83
C VAL A 211 -7.04 3.30 5.47
N CYS A 212 -7.97 2.40 5.72
CA CYS A 212 -7.84 0.95 5.44
C CYS A 212 -9.19 0.37 5.03
N ALA A 213 -9.20 -0.89 4.57
CA ALA A 213 -10.39 -1.66 4.17
C ALA A 213 -11.53 -1.54 5.19
N SER A 214 -11.21 -1.65 6.48
CA SER A 214 -12.21 -1.82 7.57
C SER A 214 -12.89 -0.48 7.85
N GLY A 215 -12.11 0.59 7.88
CA GLY A 215 -12.63 1.93 8.23
C GLY A 215 -11.54 2.98 8.35
N LEU A 216 -11.72 3.90 9.30
CA LEU A 216 -10.87 5.08 9.54
C LEU A 216 -10.22 4.92 10.90
N LEU A 217 -8.94 5.30 11.03
CA LEU A 217 -8.27 5.28 12.34
C LEU A 217 -7.78 6.69 12.61
N ILE A 218 -7.96 7.14 13.85
CA ILE A 218 -7.37 8.40 14.39
C ILE A 218 -6.33 8.01 15.42
N TYR A 219 -5.05 8.18 15.09
CA TYR A 219 -3.89 7.90 15.99
C TYR A 219 -3.55 9.20 16.71
N ARG A 220 -3.97 9.31 17.98
CA ARG A 220 -3.78 10.54 18.83
C ARG A 220 -2.46 10.40 19.60
N ASP A 221 -2.46 9.67 20.73
CA ASP A 221 -1.31 9.57 21.66
C ASP A 221 -0.89 8.11 21.86
N ARG A 222 -1.61 7.15 21.27
CA ARG A 222 -1.34 5.67 21.27
C ARG A 222 -1.95 5.03 22.51
N LEU A 223 -2.19 5.80 23.57
CA LEU A 223 -3.11 5.44 24.67
C LEU A 223 -4.55 5.66 24.18
N ARG A 224 -4.71 6.52 23.17
CA ARG A 224 -5.99 6.78 22.47
C ARG A 224 -5.81 6.59 20.96
N ILE A 225 -6.32 5.47 20.43
CA ILE A 225 -6.58 5.25 18.98
C ILE A 225 -8.09 5.05 18.80
N ASN A 226 -8.75 5.99 18.12
CA ASN A 226 -10.18 5.92 17.75
C ASN A 226 -10.29 5.24 16.39
N ARG A 227 -11.27 4.36 16.24
CA ARG A 227 -11.52 3.58 15.00
C ARG A 227 -13.00 3.71 14.61
N PHE A 228 -13.27 4.02 13.35
CA PHE A 228 -14.64 4.18 12.83
C PHE A 228 -14.80 3.16 11.70
N ALA A 229 -15.48 2.05 11.97
CA ALA A 229 -15.79 1.05 10.91
C ALA A 229 -16.52 1.81 9.80
N TRP A 230 -16.30 1.45 8.54
CA TRP A 230 -16.97 2.10 7.39
C TRP A 230 -18.49 2.23 7.57
N PRO A 231 -19.19 1.20 8.13
CA PRO A 231 -20.60 1.34 8.53
C PRO A 231 -20.95 2.55 9.43
N LYS A 232 -20.05 2.93 10.34
CA LYS A 232 -20.26 4.00 11.34
C LYS A 232 -20.06 5.37 10.69
N VAL A 233 -19.35 5.44 9.57
CA VAL A 233 -19.07 6.71 8.82
C VAL A 233 -20.28 7.06 7.96
N LEU A 234 -21.02 8.12 8.31
CA LEU A 234 -22.19 8.60 7.53
C LEU A 234 -21.72 9.28 6.25
N LYS A 235 -20.84 10.28 6.38
CA LYS A 235 -20.53 11.27 5.32
C LYS A 235 -19.06 11.68 5.42
N ILE A 236 -18.40 11.77 4.27
CA ILE A 236 -17.00 12.24 4.07
C ILE A 236 -17.06 13.54 3.26
N SER A 237 -16.36 14.59 3.69
CA SER A 237 -16.34 15.91 3.00
C SER A 237 -15.05 16.67 3.28
N TYR A 238 -14.70 17.58 2.38
CA TYR A 238 -13.57 18.51 2.57
C TYR A 238 -14.04 19.91 2.20
N LYS A 239 -13.49 20.90 2.87
CA LYS A 239 -13.73 22.30 2.50
C LYS A 239 -12.48 23.05 2.90
N ARG A 240 -11.84 23.75 1.96
CA ARG A 240 -10.56 24.46 2.19
C ARG A 240 -9.54 23.42 2.68
N ASN A 241 -8.89 23.64 3.83
CA ASN A 241 -7.82 22.76 4.38
C ASN A 241 -8.42 21.77 5.36
N ASN A 242 -9.75 21.68 5.37
CA ASN A 242 -10.51 20.89 6.38
C ASN A 242 -11.17 19.64 5.77
N PHE A 243 -11.15 18.59 6.58
CA PHE A 243 -11.67 17.27 6.26
C PHE A 243 -12.64 16.95 7.40
N TYR A 244 -13.86 16.57 7.08
CA TYR A 244 -14.95 16.40 8.08
C TYR A 244 -15.44 14.94 8.03
N ILE A 245 -15.56 14.30 9.19
CA ILE A 245 -16.20 12.96 9.30
C ILE A 245 -17.50 13.10 10.11
N LYS A 246 -18.61 12.67 9.52
CA LYS A 246 -19.94 12.55 10.16
C LYS A 246 -20.06 11.10 10.63
N ILE A 247 -20.24 10.90 11.95
CA ILE A 247 -20.29 9.56 12.60
C ILE A 247 -21.74 9.29 13.04
N ARG A 248 -22.29 8.13 12.66
CA ARG A 248 -23.68 7.72 12.99
C ARG A 248 -23.96 7.92 14.48
N PRO A 249 -25.23 8.21 14.86
CA PRO A 249 -25.64 8.15 16.25
C PRO A 249 -25.62 6.68 16.70
N GLY A 250 -25.16 6.40 17.92
CA GLY A 250 -25.53 5.15 18.60
C GLY A 250 -27.05 5.00 18.64
N GLU A 251 -27.58 3.78 18.48
CA GLU A 251 -29.05 3.51 18.50
C GLU A 251 -29.72 4.41 19.53
N PHE A 252 -30.92 4.94 19.23
CA PHE A 252 -31.67 5.83 20.16
C PHE A 252 -31.03 7.22 20.37
N GLU A 253 -30.03 7.59 19.57
CA GLU A 253 -29.49 8.98 19.56
C GLU A 253 -30.15 9.72 18.40
N GLN A 254 -30.42 11.01 18.57
CA GLN A 254 -31.25 11.79 17.65
C GLN A 254 -30.42 12.22 16.41
N PHE A 255 -29.12 12.53 16.64
CA PHE A 255 -28.19 13.21 15.70
C PHE A 255 -26.75 12.69 15.76
N GLU A 256 -26.18 12.50 14.57
CA GLU A 256 -24.75 12.20 14.31
C GLU A 256 -23.81 13.16 15.04
N SER A 257 -22.55 12.76 15.23
CA SER A 257 -21.43 13.61 15.70
C SER A 257 -20.56 13.99 14.51
N THR A 258 -19.93 15.17 14.56
CA THR A 258 -18.97 15.61 13.52
C THR A 258 -17.60 15.72 14.19
N ILE A 259 -16.60 15.06 13.60
CA ILE A 259 -15.16 15.23 13.92
C ILE A 259 -14.54 15.99 12.74
N GLY A 260 -13.88 17.10 13.06
CA GLY A 260 -13.23 17.98 12.06
C GLY A 260 -11.73 17.85 12.16
N PHE A 261 -11.05 17.86 11.01
CA PHE A 261 -9.57 17.80 10.99
C PHE A 261 -9.05 18.89 10.06
N LYS A 262 -7.90 19.42 10.42
CA LYS A 262 -7.16 20.40 9.60
C LYS A 262 -6.03 19.64 8.92
N LEU A 263 -6.00 19.70 7.59
CA LEU A 263 -4.89 19.17 6.76
C LEU A 263 -3.94 20.31 6.42
N PRO A 264 -2.70 19.96 6.04
CA PRO A 264 -1.65 20.94 5.74
C PRO A 264 -2.06 22.00 4.70
N ASN A 265 -2.83 21.59 3.73
CA ASN A 265 -3.26 22.47 2.61
C ASN A 265 -4.46 21.81 1.97
N HIS A 266 -5.06 22.50 1.03
CA HIS A 266 -6.32 22.11 0.37
C HIS A 266 -6.11 20.82 -0.43
N ARG A 267 -4.95 20.67 -1.07
CA ARG A 267 -4.71 19.46 -1.91
C ARG A 267 -4.61 18.25 -0.98
N ALA A 268 -4.00 18.40 0.20
CA ALA A 268 -3.87 17.28 1.14
C ALA A 268 -5.26 16.88 1.67
N ALA A 269 -6.17 17.86 1.86
CA ALA A 269 -7.55 17.57 2.27
C ALA A 269 -8.25 16.79 1.15
N LYS A 270 -8.13 17.23 -0.10
CA LYS A 270 -8.88 16.61 -1.22
C LYS A 270 -8.39 15.17 -1.41
N ARG A 271 -7.08 14.96 -1.31
CA ARG A 271 -6.39 13.66 -1.48
C ARG A 271 -6.94 12.68 -0.43
N LEU A 272 -6.99 13.11 0.83
CA LEU A 272 -7.55 12.27 1.93
C LEU A 272 -9.00 11.90 1.61
N TRP A 273 -9.83 12.90 1.22
CA TRP A 273 -11.26 12.70 0.91
C TRP A 273 -11.36 11.59 -0.16
N LYS A 274 -10.55 11.66 -1.20
CA LYS A 274 -10.73 10.76 -2.39
C LYS A 274 -10.30 9.34 -2.01
N VAL A 275 -9.20 9.22 -1.30
CA VAL A 275 -8.75 7.86 -0.83
C VAL A 275 -9.82 7.26 0.11
N CYS A 276 -10.46 8.05 0.99
CA CYS A 276 -11.51 7.53 1.88
C CYS A 276 -12.72 7.03 1.07
N VAL A 277 -13.25 7.86 0.16
CA VAL A 277 -14.40 7.48 -0.71
C VAL A 277 -14.06 6.20 -1.44
N GLU A 278 -12.84 6.10 -1.99
CA GLU A 278 -12.47 4.91 -2.80
C GLU A 278 -12.41 3.67 -1.90
N HIS A 279 -11.80 3.79 -0.71
CA HIS A 279 -11.76 2.68 0.27
C HIS A 279 -13.17 2.34 0.69
N HIS A 280 -14.02 3.33 0.95
CA HIS A 280 -15.42 3.06 1.42
C HIS A 280 -16.16 2.25 0.34
N THR A 281 -16.03 2.64 -0.91
CA THR A 281 -16.70 1.95 -2.06
C THR A 281 -16.15 0.54 -2.19
N PHE A 282 -14.84 0.41 -2.20
CA PHE A 282 -14.17 -0.86 -2.50
C PHE A 282 -14.58 -1.86 -1.43
N PHE A 283 -14.61 -1.46 -0.16
CA PHE A 283 -14.74 -2.44 0.94
C PHE A 283 -16.24 -2.59 1.29
N ARG A 284 -17.11 -1.69 0.83
CA ARG A 284 -18.57 -1.91 0.72
C ARG A 284 -18.92 -3.06 -0.27
N LEU A 285 -18.15 -3.24 -1.33
CA LEU A 285 -18.42 -4.28 -2.36
C LEU A 285 -17.74 -5.61 -2.01
N LEU A 286 -16.72 -5.61 -1.15
CA LEU A 286 -16.02 -6.89 -0.82
C LEU A 286 -16.98 -7.75 0.01
#